data_8EQ6
#
_entry.id   8EQ6
#
_cell.length_a   66.744
_cell.length_b   78.51
_cell.length_c   102.021
_cell.angle_alpha   90
_cell.angle_beta   106.423
_cell.angle_gamma   90
#
_symmetry.space_group_name_H-M   'C 1 2 1'
#
loop_
_entity.id
_entity.type
_entity.pdbx_description
1 polymer 'Programmed cell death protein 1'
2 polymer 'Antibody FAB light chain'
3 polymer 'Antibody FAB heavy chain'
4 water water
#
loop_
_entity_poly.entity_id
_entity_poly.type
_entity_poly.pdbx_seq_one_letter_code
_entity_poly.pdbx_strand_id
1 'polypeptide(L)'
;GPSGALDSPDRPWNPPTFSPALLVVTEGDNATFTCSFSNTSESFVLNWYRMSPSNQTDKLAAFPEDRSQPGQDSRFRVTQ
LPNGRDFHMSVVRARRNDSGTYLCGAISLAPKAQIKESLRAELRVTERR
;
A
2 'polypeptide(L)'
;ENQLTQSPSSLSASVGDRVTITCRASSSVISSYLHWYQQKPGKAPKLLIYSTSNLASGVPSRFSGSGSGTDYTLTISSLQ
PEDFATYYCQQYNSYPLTFGGGTKLEIKRTVAAPSVFIFPPSDEQLKSGTASVVCLLNNFYPREAKVQWKVDNALQSGNS
QESVTEQDSKDSTYSLSSTLTLSKADYEKHKVYACEVTHQGLSSPVTKSFNRGEC
;
L
3 'polypeptide(L)'
;QVQLVQSGAEVKKPGASVKVSCKAFGYTFTTYPIEWMRQAPGKGLEWIGNFHPYNDDTKYNEKFQGRVTLTVDKSSTTVY
MELSSLRSEDTAVYYCARENYGSHGGFVYWGQGTLVTVSSASTKGPSVFPLAPSSKSTSGGTAALGCLVKDYFPEPVTVS
WNSGALTSGVHTFPAVLQSSGLYSLSSVVTVPSSSLGTQTYICNVNHKPSNTKVDKKVEPKSCDKTH
;
H
#
# COMPACT_ATOMS: atom_id res chain seq x y z
N PRO A 15 3.56 15.97 41.22
CA PRO A 15 4.54 15.85 40.06
C PRO A 15 4.06 16.67 38.87
N PRO A 16 4.85 17.63 38.33
CA PRO A 16 4.33 18.49 37.27
C PRO A 16 3.97 17.66 36.03
N THR A 17 3.05 18.19 35.22
CA THR A 17 2.73 17.66 33.90
C THR A 17 3.52 18.48 32.87
N PHE A 18 4.12 17.81 31.88
CA PHE A 18 4.82 18.46 30.78
C PHE A 18 4.30 17.98 29.44
N SER A 19 3.63 18.90 28.72
CA SER A 19 2.86 18.65 27.51
C SER A 19 3.42 19.46 26.34
N PRO A 20 3.36 18.94 25.08
CA PRO A 20 2.95 17.57 24.80
C PRO A 20 4.13 16.61 24.91
N ALA A 21 3.94 15.33 24.55
CA ALA A 21 5.00 14.34 24.60
C ALA A 21 5.95 14.55 23.41
N LEU A 22 5.48 15.17 22.33
CA LEU A 22 6.31 15.40 21.16
C LEU A 22 5.90 16.72 20.52
N LEU A 23 6.87 17.61 20.34
CA LEU A 23 6.76 18.78 19.50
C LEU A 23 7.75 18.64 18.34
N VAL A 24 7.32 18.94 17.11
CA VAL A 24 8.19 18.91 15.93
C VAL A 24 8.10 20.25 15.20
N VAL A 25 9.22 20.95 15.08
CA VAL A 25 9.14 22.24 14.41
C VAL A 25 10.21 22.28 13.32
N THR A 26 10.21 23.34 12.50
CA THR A 26 11.27 23.50 11.53
C THR A 26 12.29 24.48 12.13
N GLU A 27 13.56 24.33 11.75
CA GLU A 27 14.55 25.22 12.32
C GLU A 27 14.13 26.65 11.99
N GLY A 28 14.27 27.54 12.99
CA GLY A 28 13.92 28.94 12.84
C GLY A 28 12.53 29.21 13.41
N ASP A 29 11.75 28.15 13.65
CA ASP A 29 10.42 28.32 14.23
C ASP A 29 10.52 28.40 15.77
N ASN A 30 9.35 28.58 16.39
CA ASN A 30 9.17 28.60 17.84
C ASN A 30 8.64 27.24 18.27
N ALA A 31 8.97 26.82 19.50
CA ALA A 31 8.34 25.63 20.05
C ALA A 31 8.01 25.91 21.51
N THR A 32 6.77 25.61 21.93
CA THR A 32 6.27 25.98 23.24
C THR A 32 5.64 24.78 23.93
N PHE A 33 6.36 24.24 24.92
CA PHE A 33 5.85 23.22 25.79
C PHE A 33 5.09 23.89 26.95
N THR A 34 4.24 23.10 27.60
CA THR A 34 3.45 23.55 28.73
C THR A 34 3.80 22.72 29.94
N CYS A 35 4.23 23.40 31.01
CA CYS A 35 4.48 22.78 32.32
C CYS A 35 3.38 23.22 33.29
N SER A 36 2.80 22.21 33.96
CA SER A 36 1.55 22.36 34.70
C SER A 36 1.72 21.83 36.13
N PHE A 37 1.45 22.69 37.12
CA PHE A 37 1.77 22.34 38.50
C PHE A 37 0.90 23.18 39.44
N VAL A 45 9.57 26.62 43.11
CA VAL A 45 10.63 26.84 42.07
C VAL A 45 10.51 25.80 40.94
N LEU A 46 10.28 26.29 39.70
CA LEU A 46 9.99 25.40 38.58
C LEU A 46 11.05 25.60 37.49
N ASN A 47 11.68 24.49 37.07
CA ASN A 47 12.80 24.51 36.14
C ASN A 47 12.58 23.62 34.90
N TRP A 48 13.29 23.99 33.83
CA TRP A 48 13.23 23.35 32.53
C TRP A 48 14.60 22.76 32.26
N TYR A 49 14.69 21.43 32.15
CA TYR A 49 15.95 20.73 31.97
C TYR A 49 15.93 19.97 30.65
N ARG A 50 17.14 19.63 30.17
CA ARG A 50 17.33 18.76 29.03
C ARG A 50 18.20 17.58 29.45
N MET A 51 17.80 16.36 29.03
CA MET A 51 18.56 15.15 29.28
C MET A 51 19.45 14.86 28.06
N SER A 74 19.41 31.24 26.51
CA SER A 74 18.96 32.37 25.66
C SER A 74 18.31 31.75 24.42
N ARG A 75 17.10 32.21 24.09
CA ARG A 75 16.23 31.52 23.14
C ARG A 75 15.27 30.61 23.91
N PHE A 76 15.72 30.10 25.07
CA PHE A 76 14.87 29.36 26.01
C PHE A 76 14.30 30.31 27.06
N ARG A 77 12.97 30.39 27.14
CA ARG A 77 12.24 31.29 28.03
C ARG A 77 11.19 30.49 28.80
N VAL A 78 10.93 30.92 30.04
CA VAL A 78 9.81 30.45 30.84
C VAL A 78 8.85 31.61 31.09
N THR A 79 7.55 31.34 30.95
CA THR A 79 6.50 32.32 31.15
C THR A 79 5.41 31.65 31.96
N GLN A 80 5.04 32.26 33.08
CA GLN A 80 3.89 31.81 33.84
C GLN A 80 2.64 32.44 33.23
N LEU A 81 1.62 31.63 33.00
CA LEU A 81 0.39 32.12 32.42
C LEU A 81 -0.42 32.81 33.51
N PRO A 82 -1.46 33.60 33.14
CA PRO A 82 -2.26 34.32 34.14
C PRO A 82 -2.78 33.43 35.27
N ASN A 83 -3.19 32.19 34.94
CA ASN A 83 -3.84 31.27 35.86
C ASN A 83 -2.88 30.78 36.95
N GLY A 84 -1.57 30.84 36.71
CA GLY A 84 -0.63 30.50 37.77
C GLY A 84 -0.30 29.01 37.87
N ARG A 85 -1.10 28.13 37.25
CA ARG A 85 -0.81 26.70 37.39
C ARG A 85 0.07 26.25 36.22
N ASP A 86 -0.07 26.95 35.08
CA ASP A 86 0.51 26.57 33.81
C ASP A 86 1.58 27.56 33.38
N PHE A 87 2.70 27.00 32.90
CA PHE A 87 3.84 27.77 32.41
C PHE A 87 4.19 27.33 31.00
N HIS A 88 4.51 28.31 30.14
CA HIS A 88 5.06 28.09 28.81
C HIS A 88 6.58 27.99 28.85
N MET A 89 7.09 26.92 28.26
CA MET A 89 8.51 26.71 28.16
C MET A 89 8.85 26.67 26.67
N SER A 90 9.27 27.85 26.19
CA SER A 90 9.35 28.20 24.78
C SER A 90 10.80 28.22 24.33
N VAL A 91 11.03 27.80 23.08
CA VAL A 91 12.32 27.95 22.42
C VAL A 91 12.07 28.87 21.24
N VAL A 92 12.80 30.00 21.14
CA VAL A 92 12.63 30.83 19.95
C VAL A 92 13.73 30.51 18.95
N ARG A 93 13.45 30.66 17.65
CA ARG A 93 14.47 30.47 16.62
C ARG A 93 15.15 29.11 16.81
N ALA A 94 14.32 28.07 16.86
CA ALA A 94 14.78 26.72 17.18
C ALA A 94 15.91 26.31 16.23
N ARG A 95 16.91 25.64 16.78
CA ARG A 95 18.01 25.06 16.01
C ARG A 95 17.93 23.54 16.05
N ARG A 96 18.48 22.91 15.01
CA ARG A 96 18.53 21.46 14.92
C ARG A 96 19.15 20.86 16.20
N ASN A 97 20.14 21.54 16.81
CA ASN A 97 20.81 21.00 17.99
CA ASN A 97 20.80 20.97 17.98
C ASN A 97 19.92 21.13 19.23
N ASP A 98 18.77 21.82 19.09
CA ASP A 98 17.78 21.89 20.17
C ASP A 98 17.05 20.55 20.32
N SER A 99 17.09 19.70 19.27
CA SER A 99 16.41 18.41 19.23
C SER A 99 16.86 17.55 20.39
N GLY A 100 15.90 16.89 21.07
CA GLY A 100 16.25 16.14 22.26
C GLY A 100 15.09 15.98 23.23
N THR A 101 15.45 15.56 24.44
CA THR A 101 14.54 15.13 25.50
C THR A 101 14.59 16.17 26.59
N TYR A 102 13.40 16.58 27.05
CA TYR A 102 13.30 17.59 28.09
C TYR A 102 12.29 17.18 29.18
N LEU A 103 12.42 17.83 30.35
CA LEU A 103 11.58 17.67 31.52
C LEU A 103 11.38 19.06 32.11
N CYS A 104 10.28 19.23 32.87
CA CYS A 104 10.25 20.24 33.93
C CYS A 104 10.27 19.57 35.30
N GLY A 105 11.03 20.20 36.21
CA GLY A 105 11.10 19.83 37.62
C GLY A 105 10.65 20.99 38.51
N ALA A 106 9.95 20.64 39.61
CA ALA A 106 9.60 21.58 40.66
C ALA A 106 10.52 21.34 41.87
N ILE A 115 12.51 17.84 44.81
CA ILE A 115 12.72 17.58 43.34
C ILE A 115 11.61 16.66 42.81
N LYS A 116 10.59 17.26 42.15
CA LYS A 116 9.56 16.48 41.49
C LYS A 116 9.64 16.68 39.98
N GLU A 117 9.93 15.60 39.24
CA GLU A 117 10.18 15.69 37.80
C GLU A 117 8.98 15.20 37.01
N SER A 118 8.65 15.92 35.91
CA SER A 118 7.65 15.49 34.94
C SER A 118 8.17 14.29 34.17
N LEU A 119 7.25 13.63 33.46
CA LEU A 119 7.62 12.73 32.40
C LEU A 119 8.42 13.48 31.32
N ARG A 120 9.30 12.75 30.63
CA ARG A 120 10.11 13.31 29.56
C ARG A 120 9.24 13.66 28.35
N ALA A 121 9.57 14.76 27.68
CA ALA A 121 8.99 15.03 26.37
C ALA A 121 10.10 15.19 25.33
N GLU A 122 9.76 15.16 24.04
CA GLU A 122 10.78 15.30 23.01
C GLU A 122 10.52 16.51 22.12
N LEU A 123 11.62 17.18 21.78
CA LEU A 123 11.63 18.25 20.80
C LEU A 123 12.35 17.74 19.55
N ARG A 124 11.71 17.90 18.40
CA ARG A 124 12.42 17.69 17.14
C ARG A 124 12.37 18.92 16.25
N VAL A 125 13.56 19.32 15.82
CA VAL A 125 13.72 20.51 14.99
C VAL A 125 14.24 20.02 13.63
N THR A 126 13.36 20.04 12.62
CA THR A 126 13.73 19.57 11.29
C THR A 126 14.48 20.65 10.51
N GLU A 127 15.12 20.20 9.42
CA GLU A 127 15.85 21.06 8.51
C GLU A 127 14.91 21.78 7.55
N ARG A 128 15.11 23.09 7.37
CA ARG A 128 14.30 23.80 6.39
C ARG A 128 14.84 23.45 4.98
N GLU B 1 12.18 18.31 -2.19
CA GLU B 1 12.10 17.28 -1.12
C GLU B 1 13.34 16.39 -1.16
N ASN B 2 13.60 15.72 -0.03
CA ASN B 2 14.74 14.81 0.04
C ASN B 2 14.27 13.44 -0.46
N GLN B 3 14.61 13.14 -1.72
CA GLN B 3 14.12 11.95 -2.35
C GLN B 3 14.91 10.77 -1.83
N LEU B 4 14.19 9.67 -1.59
CA LEU B 4 14.83 8.45 -1.18
C LEU B 4 14.71 7.41 -2.30
N THR B 5 15.82 6.72 -2.58
CA THR B 5 15.76 5.69 -3.61
C THR B 5 16.26 4.37 -3.07
N GLN B 6 15.42 3.35 -3.15
CA GLN B 6 15.80 2.02 -2.70
C GLN B 6 16.38 1.17 -3.84
N SER B 7 17.38 0.35 -3.47
CA SER B 7 18.03 -0.64 -4.32
C SER B 7 18.14 -1.97 -3.58
N PRO B 8 17.83 -3.14 -4.18
CA PRO B 8 17.26 -3.22 -5.52
C PRO B 8 15.76 -3.01 -5.42
N SER B 9 15.04 -3.01 -6.53
CA SER B 9 13.61 -2.75 -6.43
C SER B 9 12.89 -4.04 -6.02
N SER B 10 13.54 -5.15 -6.35
CA SER B 10 13.04 -6.49 -6.11
C SER B 10 14.25 -7.38 -5.88
N LEU B 11 14.13 -8.40 -5.02
CA LEU B 11 15.14 -9.44 -5.02
C LEU B 11 14.52 -10.76 -4.54
N SER B 12 15.07 -11.88 -5.02
CA SER B 12 14.56 -13.21 -4.69
C SER B 12 15.60 -13.94 -3.84
N ALA B 13 15.15 -14.58 -2.75
CA ALA B 13 16.08 -15.29 -1.89
C ALA B 13 15.34 -16.43 -1.20
N SER B 14 16.07 -17.25 -0.41
CA SER B 14 15.50 -18.41 0.25
C SER B 14 15.45 -18.26 1.77
N VAL B 15 14.62 -19.10 2.41
CA VAL B 15 14.63 -19.25 3.85
C VAL B 15 16.07 -19.59 4.27
N GLY B 16 16.61 -18.82 5.21
CA GLY B 16 17.93 -19.08 5.77
C GLY B 16 19.02 -18.22 5.14
N ASP B 17 18.73 -17.52 4.02
CA ASP B 17 19.74 -16.68 3.38
C ASP B 17 19.86 -15.36 4.12
N ARG B 18 20.89 -14.57 3.79
CA ARG B 18 20.95 -13.21 4.29
C ARG B 18 20.93 -12.23 3.13
N VAL B 19 20.15 -11.13 3.28
CA VAL B 19 20.03 -10.15 2.21
C VAL B 19 20.28 -8.78 2.79
N THR B 20 20.68 -7.84 1.92
CA THR B 20 20.84 -6.46 2.34
C THR B 20 20.11 -5.62 1.31
N ILE B 21 19.30 -4.69 1.80
CA ILE B 21 18.63 -3.71 0.97
C ILE B 21 19.25 -2.35 1.26
N THR B 22 19.17 -1.43 0.30
CA THR B 22 19.85 -0.14 0.40
C THR B 22 18.81 0.98 0.28
N CYS B 23 19.01 2.05 1.05
CA CYS B 23 18.25 3.29 0.89
C CYS B 23 19.24 4.43 0.70
N ARG B 24 19.05 5.24 -0.33
CA ARG B 24 19.96 6.32 -0.61
C ARG B 24 19.15 7.61 -0.68
N ALA B 25 19.60 8.61 0.08
CA ALA B 25 18.87 9.87 0.16
C ALA B 25 19.52 10.87 -0.78
N SER B 26 18.71 11.75 -1.39
CA SER B 26 19.32 12.76 -2.26
C SER B 26 20.11 13.76 -1.43
N SER B 27 19.80 13.88 -0.14
CA SER B 27 20.45 14.88 0.69
C SER B 27 20.74 14.25 2.06
N SER B 28 21.82 14.69 2.73
CA SER B 28 22.32 14.02 3.92
C SER B 28 21.26 14.06 5.03
N VAL B 29 21.00 12.94 5.69
CA VAL B 29 20.03 12.90 6.79
C VAL B 29 20.77 12.55 8.09
N ILE B 30 20.40 13.22 9.18
CA ILE B 30 20.89 12.78 10.48
C ILE B 30 20.33 11.38 10.76
N SER B 31 21.21 10.46 11.18
CA SER B 31 20.81 9.07 11.17
C SER B 31 19.70 8.75 12.18
N SER B 32 19.46 9.64 13.16
CA SER B 32 18.35 9.48 14.10
C SER B 32 17.02 9.45 13.36
N TYR B 33 16.95 10.05 12.15
CA TYR B 33 15.65 10.33 11.54
C TYR B 33 15.45 9.46 10.30
N LEU B 34 16.13 8.30 10.26
CA LEU B 34 15.93 7.42 9.13
C LEU B 34 15.38 6.08 9.61
N HIS B 35 14.21 5.68 9.05
CA HIS B 35 13.51 4.50 9.54
C HIS B 35 13.16 3.53 8.41
N TRP B 36 12.76 2.30 8.80
CA TRP B 36 12.37 1.19 7.93
C TRP B 36 11.05 0.60 8.39
N TYR B 37 10.21 0.26 7.42
CA TYR B 37 8.91 -0.39 7.60
C TYR B 37 8.88 -1.67 6.78
N GLN B 38 8.16 -2.66 7.31
CA GLN B 38 7.79 -3.84 6.53
C GLN B 38 6.31 -3.73 6.17
N GLN B 39 5.96 -4.04 4.92
CA GLN B 39 4.55 -4.06 4.58
C GLN B 39 4.21 -5.40 3.95
N LYS B 40 3.16 -6.03 4.47
CA LYS B 40 2.67 -7.24 3.85
C LYS B 40 1.37 -6.90 3.10
N PRO B 41 1.06 -7.61 1.99
CA PRO B 41 -0.18 -7.37 1.25
C PRO B 41 -1.41 -7.21 2.15
N GLY B 42 -2.23 -6.18 1.88
CA GLY B 42 -3.48 -5.90 2.57
C GLY B 42 -3.33 -5.34 3.99
N LYS B 43 -2.08 -5.04 4.42
CA LYS B 43 -1.85 -4.54 5.76
C LYS B 43 -1.21 -3.17 5.73
N ALA B 44 -1.39 -2.38 6.79
CA ALA B 44 -0.66 -1.14 6.91
C ALA B 44 0.84 -1.43 7.10
N PRO B 45 1.78 -0.51 6.78
CA PRO B 45 3.17 -0.72 7.18
C PRO B 45 3.31 -0.87 8.68
N LYS B 46 4.36 -1.59 9.05
CA LYS B 46 4.77 -1.83 10.42
C LYS B 46 6.21 -1.34 10.55
N LEU B 47 6.46 -0.48 11.55
CA LEU B 47 7.79 0.03 11.80
C LEU B 47 8.68 -1.14 12.20
N LEU B 48 9.88 -1.21 11.61
CA LEU B 48 10.75 -2.36 11.80
C LEU B 48 12.00 -1.90 12.54
N ILE B 49 12.55 -0.78 12.07
CA ILE B 49 13.80 -0.19 12.56
C ILE B 49 13.55 1.31 12.62
N TYR B 50 13.86 1.91 13.76
CA TYR B 50 13.84 3.36 13.84
C TYR B 50 15.26 3.84 14.16
N SER B 51 15.57 5.07 13.74
CA SER B 51 16.86 5.71 13.95
C SER B 51 17.98 4.81 13.48
N THR B 52 17.86 4.32 12.22
CA THR B 52 18.92 3.68 11.47
C THR B 52 19.06 2.23 11.92
N SER B 53 19.09 1.99 13.24
CA SER B 53 19.61 0.70 13.69
C SER B 53 18.89 0.09 14.89
N ASN B 54 17.93 0.82 15.46
CA ASN B 54 17.19 0.36 16.62
C ASN B 54 15.96 -0.46 16.19
N LEU B 55 15.85 -1.70 16.69
CA LEU B 55 14.70 -2.55 16.38
C LEU B 55 13.45 -2.02 17.08
N ALA B 56 12.33 -1.96 16.36
CA ALA B 56 11.06 -1.57 16.97
C ALA B 56 10.59 -2.70 17.89
N SER B 57 9.53 -2.45 18.65
CA SER B 57 8.96 -3.41 19.59
C SER B 57 8.60 -4.69 18.87
N GLY B 58 9.14 -5.84 19.33
CA GLY B 58 8.69 -7.14 18.87
C GLY B 58 9.36 -7.58 17.57
N VAL B 59 10.33 -6.79 17.10
CA VAL B 59 11.07 -7.11 15.89
C VAL B 59 12.24 -8.04 16.25
N PRO B 60 12.32 -9.23 15.61
CA PRO B 60 13.45 -10.14 15.80
C PRO B 60 14.80 -9.54 15.46
N SER B 61 15.88 -10.08 16.06
CA SER B 61 17.23 -9.53 15.96
C SER B 61 17.98 -10.03 14.72
N ARG B 62 17.29 -10.83 13.88
CA ARG B 62 17.79 -11.13 12.54
C ARG B 62 17.65 -9.88 11.65
N PHE B 63 16.80 -8.91 12.05
CA PHE B 63 16.81 -7.63 11.35
C PHE B 63 17.91 -6.75 11.93
N SER B 64 18.63 -6.04 11.05
CA SER B 64 19.54 -5.00 11.51
C SER B 64 19.55 -3.80 10.56
N GLY B 65 19.92 -2.63 11.08
CA GLY B 65 19.93 -1.45 10.24
C GLY B 65 21.29 -0.80 10.37
N SER B 66 21.78 -0.16 9.30
CA SER B 66 23.06 0.49 9.38
C SER B 66 23.05 1.73 8.50
N GLY B 67 23.93 2.71 8.75
CA GLY B 67 24.06 3.80 7.81
C GLY B 67 24.21 5.16 8.47
N SER B 68 24.37 6.17 7.63
CA SER B 68 24.45 7.58 8.01
C SER B 68 24.65 8.39 6.73
N GLY B 69 24.64 9.73 6.86
CA GLY B 69 24.69 10.61 5.69
C GLY B 69 23.54 10.27 4.72
N THR B 70 23.89 9.80 3.51
CA THR B 70 22.89 9.53 2.49
C THR B 70 22.77 8.03 2.25
N ASP B 71 23.58 7.20 2.93
CA ASP B 71 23.61 5.79 2.56
C ASP B 71 23.15 4.91 3.73
N TYR B 72 22.05 4.17 3.56
CA TYR B 72 21.47 3.38 4.62
C TYR B 72 21.20 1.98 4.10
N THR B 73 21.19 1.00 5.02
CA THR B 73 20.96 -0.37 4.63
C THR B 73 20.05 -1.01 5.66
N LEU B 74 19.31 -2.04 5.21
CA LEU B 74 18.61 -2.97 6.08
C LEU B 74 19.08 -4.39 5.74
N THR B 75 19.42 -5.19 6.75
CA THR B 75 19.86 -6.56 6.54
C THR B 75 18.96 -7.50 7.33
N ILE B 76 18.64 -8.64 6.70
CA ILE B 76 17.99 -9.77 7.32
C ILE B 76 18.96 -10.94 7.23
N SER B 77 19.48 -11.38 8.37
CA SER B 77 20.69 -12.18 8.25
C SER B 77 20.36 -13.69 8.25
N SER B 78 19.08 -14.03 8.38
CA SER B 78 18.69 -15.43 8.23
C SER B 78 17.18 -15.52 8.04
N LEU B 79 16.75 -15.39 6.78
CA LEU B 79 15.36 -15.14 6.41
C LEU B 79 14.45 -16.20 7.00
N GLN B 80 13.28 -15.76 7.43
CA GLN B 80 12.17 -16.64 7.76
C GLN B 80 11.06 -16.43 6.73
N PRO B 81 10.12 -17.43 6.59
CA PRO B 81 8.93 -17.31 5.75
C PRO B 81 8.20 -15.98 5.88
N GLU B 82 8.05 -15.48 7.10
CA GLU B 82 7.28 -14.26 7.34
C GLU B 82 7.96 -13.04 6.70
N ASP B 83 9.25 -13.17 6.31
CA ASP B 83 10.05 -11.99 5.99
C ASP B 83 9.85 -11.52 4.54
N PHE B 84 9.22 -12.37 3.73
CA PHE B 84 8.98 -12.02 2.34
C PHE B 84 7.86 -11.00 2.30
N ALA B 85 8.23 -9.79 1.87
CA ALA B 85 7.36 -8.64 2.02
C ALA B 85 8.04 -7.46 1.35
N THR B 86 7.35 -6.31 1.31
CA THR B 86 7.97 -5.07 0.83
C THR B 86 8.51 -4.26 2.01
N TYR B 87 9.72 -3.70 1.83
CA TYR B 87 10.37 -2.90 2.84
C TYR B 87 10.50 -1.49 2.29
N TYR B 88 10.17 -0.52 3.14
CA TYR B 88 10.36 0.88 2.81
C TYR B 88 11.24 1.58 3.82
N CYS B 89 12.04 2.54 3.35
CA CYS B 89 12.72 3.52 4.16
C CYS B 89 11.94 4.83 4.22
N GLN B 90 12.17 5.61 5.30
CA GLN B 90 11.52 6.90 5.48
C GLN B 90 12.49 7.84 6.21
N GLN B 91 12.42 9.14 5.88
CA GLN B 91 13.22 10.22 6.44
C GLN B 91 12.27 11.16 7.23
N TYR B 92 12.63 11.52 8.46
CA TYR B 92 11.99 12.58 9.21
C TYR B 92 13.01 13.71 9.49
N ASN B 93 13.95 13.93 8.54
CA ASN B 93 15.00 14.95 8.61
C ASN B 93 14.45 16.32 8.19
N SER B 94 13.62 16.34 7.13
CA SER B 94 13.03 17.56 6.62
C SER B 94 11.58 17.30 6.19
N TYR B 95 10.76 18.36 6.21
CA TYR B 95 9.48 18.34 5.52
C TYR B 95 9.66 18.70 4.04
N PRO B 96 8.87 18.12 3.09
CA PRO B 96 7.94 17.05 3.40
C PRO B 96 8.68 15.75 3.72
N LEU B 97 8.11 14.99 4.66
CA LEU B 97 8.48 13.58 4.88
C LEU B 97 8.43 12.87 3.53
N THR B 98 9.40 11.95 3.34
CA THR B 98 9.45 11.18 2.12
C THR B 98 9.68 9.72 2.49
N PHE B 99 9.29 8.81 1.59
CA PHE B 99 9.55 7.38 1.70
C PHE B 99 10.25 6.92 0.43
N GLY B 100 11.06 5.89 0.54
CA GLY B 100 11.52 5.21 -0.65
C GLY B 100 10.39 4.48 -1.38
N GLY B 101 10.72 4.03 -2.61
CA GLY B 101 9.78 3.39 -3.50
C GLY B 101 9.51 1.95 -3.10
N GLY B 102 10.32 1.41 -2.16
CA GLY B 102 10.09 0.05 -1.70
C GLY B 102 10.99 -0.98 -2.40
N THR B 103 11.31 -2.07 -1.68
CA THR B 103 12.03 -3.21 -2.24
C THR B 103 11.23 -4.46 -1.86
N LYS B 104 10.91 -5.26 -2.86
CA LYS B 104 10.08 -6.42 -2.59
C LYS B 104 10.92 -7.68 -2.49
N LEU B 105 10.86 -8.31 -1.32
CA LEU B 105 11.62 -9.53 -1.12
C LEU B 105 10.74 -10.73 -1.48
N GLU B 106 11.17 -11.50 -2.48
CA GLU B 106 10.42 -12.62 -3.04
C GLU B 106 11.16 -13.94 -2.82
N ILE B 107 10.43 -15.05 -2.96
CA ILE B 107 10.97 -16.39 -2.77
C ILE B 107 11.62 -16.88 -4.06
N LYS B 108 12.90 -17.30 -3.93
CA LYS B 108 13.67 -17.92 -4.99
C LYS B 108 13.24 -19.38 -5.18
N ARG B 109 13.23 -19.85 -6.44
CA ARG B 109 12.59 -21.10 -6.80
C ARG B 109 13.17 -21.49 -8.16
N THR B 110 13.07 -22.77 -8.57
CA THR B 110 13.69 -23.13 -9.84
C THR B 110 12.86 -22.58 -11.01
N VAL B 111 13.46 -22.53 -12.21
CA VAL B 111 12.76 -21.99 -13.36
C VAL B 111 11.61 -22.94 -13.73
N ALA B 112 10.45 -22.38 -14.07
CA ALA B 112 9.36 -23.22 -14.55
C ALA B 112 8.65 -22.51 -15.70
N ALA B 113 8.48 -23.23 -16.84
CA ALA B 113 7.84 -22.72 -18.03
C ALA B 113 6.33 -22.65 -17.76
N PRO B 114 5.61 -21.63 -18.27
CA PRO B 114 4.17 -21.59 -18.07
C PRO B 114 3.44 -22.66 -18.86
N SER B 115 2.33 -23.16 -18.30
CA SER B 115 1.33 -23.81 -19.15
C SER B 115 0.47 -22.71 -19.76
N VAL B 116 0.20 -22.78 -21.06
CA VAL B 116 -0.57 -21.69 -21.66
C VAL B 116 -1.96 -22.20 -22.05
N PHE B 117 -2.99 -21.38 -21.83
CA PHE B 117 -4.36 -21.75 -22.15
C PHE B 117 -5.03 -20.48 -22.67
N ILE B 118 -6.05 -20.66 -23.51
CA ILE B 118 -6.71 -19.54 -24.15
C ILE B 118 -8.21 -19.83 -24.14
N PHE B 119 -9.00 -18.76 -24.01
CA PHE B 119 -10.43 -18.85 -23.80
C PHE B 119 -11.10 -17.87 -24.75
N PRO B 120 -11.94 -18.36 -25.69
CA PRO B 120 -12.73 -17.47 -26.54
C PRO B 120 -13.76 -16.75 -25.71
N PRO B 121 -14.35 -15.65 -26.20
CA PRO B 121 -15.40 -15.02 -25.42
C PRO B 121 -16.49 -16.05 -25.18
N SER B 122 -17.20 -15.96 -24.04
CA SER B 122 -18.41 -16.72 -23.82
C SER B 122 -19.52 -16.17 -24.72
N ASP B 123 -20.45 -17.04 -25.13
CA ASP B 123 -21.66 -16.65 -25.84
C ASP B 123 -22.46 -15.65 -25.02
N GLU B 124 -22.44 -15.84 -23.69
CA GLU B 124 -23.20 -14.99 -22.79
C GLU B 124 -22.75 -13.54 -23.02
N GLN B 125 -21.44 -13.34 -23.09
CA GLN B 125 -20.86 -12.01 -23.25
C GLN B 125 -21.12 -11.48 -24.65
N LEU B 126 -20.96 -12.33 -25.67
CA LEU B 126 -21.20 -11.91 -27.04
C LEU B 126 -22.60 -11.31 -27.22
N LYS B 127 -23.59 -11.78 -26.44
CA LYS B 127 -24.92 -11.18 -26.51
C LYS B 127 -24.94 -9.68 -26.19
N SER B 128 -23.93 -9.17 -25.47
CA SER B 128 -23.92 -7.80 -24.97
C SER B 128 -23.14 -6.86 -25.88
N GLY B 129 -22.45 -7.35 -26.92
CA GLY B 129 -21.76 -6.46 -27.84
C GLY B 129 -20.24 -6.40 -27.66
N THR B 130 -19.70 -7.17 -26.70
CA THR B 130 -18.29 -7.15 -26.35
C THR B 130 -17.74 -8.57 -26.43
N ALA B 131 -16.48 -8.69 -26.83
CA ALA B 131 -15.79 -9.95 -26.78
C ALA B 131 -14.48 -9.74 -26.03
N SER B 132 -14.32 -10.49 -24.92
CA SER B 132 -13.06 -10.58 -24.22
C SER B 132 -12.44 -11.94 -24.52
N VAL B 133 -11.14 -11.93 -24.82
CA VAL B 133 -10.41 -13.14 -25.11
C VAL B 133 -9.30 -13.21 -24.07
N VAL B 134 -9.16 -14.36 -23.44
CA VAL B 134 -8.26 -14.38 -22.29
C VAL B 134 -7.19 -15.43 -22.54
N CYS B 135 -5.94 -15.05 -22.28
CA CYS B 135 -4.85 -16.00 -22.36
C CYS B 135 -4.25 -16.16 -20.98
N LEU B 136 -4.05 -17.42 -20.55
CA LEU B 136 -3.59 -17.64 -19.19
C LEU B 136 -2.21 -18.25 -19.27
N LEU B 137 -1.23 -17.65 -18.58
CA LEU B 137 0.07 -18.28 -18.33
C LEU B 137 0.04 -18.85 -16.93
N ASN B 138 0.19 -20.16 -16.79
CA ASN B 138 -0.01 -20.71 -15.47
C ASN B 138 1.30 -21.28 -14.88
N ASN B 139 1.52 -20.98 -13.58
CA ASN B 139 2.49 -21.69 -12.74
C ASN B 139 3.91 -21.56 -13.28
N PHE B 140 4.38 -20.32 -13.51
CA PHE B 140 5.67 -20.13 -14.13
C PHE B 140 6.61 -19.41 -13.16
N TYR B 141 7.90 -19.38 -13.53
CA TYR B 141 8.90 -18.78 -12.67
C TYR B 141 10.16 -18.63 -13.50
N PRO B 142 10.86 -17.47 -13.48
CA PRO B 142 10.42 -16.29 -12.72
C PRO B 142 9.33 -15.48 -13.41
N ARG B 143 9.07 -14.28 -12.88
CA ARG B 143 7.86 -13.52 -13.18
C ARG B 143 7.96 -12.93 -14.59
N GLU B 144 9.16 -12.70 -15.08
CA GLU B 144 9.28 -12.11 -16.41
C GLU B 144 8.60 -12.97 -17.48
N ALA B 145 7.64 -12.39 -18.21
CA ALA B 145 7.00 -13.07 -19.32
C ALA B 145 6.52 -12.03 -20.30
N LYS B 146 6.53 -12.40 -21.59
CA LYS B 146 5.97 -11.56 -22.65
C LYS B 146 4.78 -12.27 -23.30
N VAL B 147 3.70 -11.53 -23.49
CA VAL B 147 2.49 -12.00 -24.16
C VAL B 147 2.17 -11.04 -25.29
N GLN B 148 1.97 -11.57 -26.49
CA GLN B 148 1.48 -10.77 -27.62
C GLN B 148 0.25 -11.42 -28.23
N TRP B 149 -0.72 -10.57 -28.59
CA TRP B 149 -1.94 -11.00 -29.24
C TRP B 149 -1.85 -10.81 -30.75
N LYS B 150 -2.35 -11.78 -31.50
CA LYS B 150 -2.50 -11.59 -32.95
C LYS B 150 -3.92 -11.98 -33.35
N VAL B 151 -4.55 -11.12 -34.14
CA VAL B 151 -5.83 -11.46 -34.73
C VAL B 151 -5.62 -11.49 -36.24
N ASP B 152 -5.78 -12.69 -36.84
CA ASP B 152 -5.52 -12.88 -38.26
C ASP B 152 -4.12 -12.32 -38.59
N ASN B 153 -3.15 -12.56 -37.69
CA ASN B 153 -1.73 -12.30 -37.83
C ASN B 153 -1.38 -10.83 -37.60
N ALA B 154 -2.38 -9.96 -37.38
CA ALA B 154 -2.13 -8.57 -37.03
C ALA B 154 -1.82 -8.46 -35.53
N LEU B 155 -0.64 -7.96 -35.19
CA LEU B 155 -0.27 -7.76 -33.80
C LEU B 155 -1.18 -6.68 -33.20
N GLN B 156 -1.74 -6.98 -32.03
CA GLN B 156 -2.66 -6.05 -31.37
C GLN B 156 -1.88 -5.15 -30.41
N SER B 157 -2.23 -3.87 -30.36
CA SER B 157 -1.68 -3.01 -29.32
C SER B 157 -2.73 -2.03 -28.84
N GLY B 158 -2.77 -1.82 -27.51
CA GLY B 158 -3.65 -0.81 -26.94
C GLY B 158 -5.03 -1.36 -26.58
N ASN B 159 -5.26 -2.66 -26.74
CA ASN B 159 -6.57 -3.23 -26.45
C ASN B 159 -6.41 -4.51 -25.63
N SER B 160 -5.24 -4.68 -25.02
CA SER B 160 -5.11 -5.75 -24.07
C SER B 160 -4.55 -5.22 -22.75
N GLN B 161 -4.81 -5.98 -21.68
CA GLN B 161 -4.29 -5.68 -20.35
C GLN B 161 -3.87 -6.98 -19.68
N GLU B 162 -2.75 -6.94 -18.93
CA GLU B 162 -2.26 -8.09 -18.19
C GLU B 162 -2.49 -7.91 -16.69
N SER B 163 -2.60 -9.02 -15.96
CA SER B 163 -2.55 -9.02 -14.51
C SER B 163 -1.70 -10.22 -14.09
N VAL B 164 -0.89 -10.05 -13.04
CA VAL B 164 -0.07 -11.16 -12.53
C VAL B 164 -0.40 -11.34 -11.05
N THR B 165 -0.51 -12.60 -10.61
CA THR B 165 -0.70 -12.89 -9.19
C THR B 165 0.62 -12.67 -8.41
N GLU B 166 0.49 -12.57 -7.09
CA GLU B 166 1.61 -12.74 -6.18
C GLU B 166 2.09 -14.20 -6.26
N GLN B 167 3.33 -14.45 -5.82
CA GLN B 167 3.81 -15.82 -5.72
C GLN B 167 2.84 -16.71 -4.98
N ASP B 168 2.65 -17.90 -5.53
CA ASP B 168 1.67 -18.85 -5.02
C ASP B 168 2.06 -19.31 -3.61
N SER B 169 1.04 -19.50 -2.76
CA SER B 169 1.27 -19.81 -1.36
C SER B 169 1.89 -21.20 -1.23
N LYS B 170 1.73 -22.03 -2.27
CA LYS B 170 2.19 -23.41 -2.24
C LYS B 170 3.53 -23.56 -2.96
N ASP B 171 3.59 -23.18 -4.25
CA ASP B 171 4.75 -23.51 -5.07
C ASP B 171 5.56 -22.27 -5.45
N SER B 172 5.16 -21.09 -4.95
CA SER B 172 5.89 -19.85 -5.18
C SER B 172 5.98 -19.47 -6.66
N THR B 173 5.12 -20.03 -7.54
CA THR B 173 5.15 -19.63 -8.94
C THR B 173 4.26 -18.40 -9.11
N TYR B 174 4.29 -17.84 -10.32
CA TYR B 174 3.34 -16.82 -10.74
C TYR B 174 2.36 -17.33 -11.79
N SER B 175 1.25 -16.62 -11.92
CA SER B 175 0.35 -16.81 -13.05
C SER B 175 0.03 -15.46 -13.63
N LEU B 176 -0.28 -15.44 -14.93
CA LEU B 176 -0.51 -14.21 -15.67
C LEU B 176 -1.74 -14.40 -16.54
N SER B 177 -2.65 -13.41 -16.49
CA SER B 177 -3.71 -13.34 -17.47
C SER B 177 -3.47 -12.13 -18.38
N SER B 178 -3.72 -12.33 -19.67
CA SER B 178 -3.78 -11.25 -20.62
C SER B 178 -5.16 -11.30 -21.27
N THR B 179 -5.87 -10.17 -21.27
CA THR B 179 -7.24 -10.08 -21.72
C THR B 179 -7.29 -9.12 -22.89
N LEU B 180 -7.72 -9.64 -24.05
CA LEU B 180 -7.87 -8.84 -25.25
C LEU B 180 -9.34 -8.45 -25.33
N THR B 181 -9.61 -7.15 -25.46
CA THR B 181 -10.99 -6.69 -25.51
C THR B 181 -11.32 -6.19 -26.92
N LEU B 182 -12.31 -6.79 -27.58
CA LEU B 182 -12.75 -6.34 -28.90
C LEU B 182 -14.26 -6.10 -28.87
N SER B 183 -14.73 -5.31 -29.85
CA SER B 183 -16.16 -5.21 -30.12
C SER B 183 -16.62 -6.56 -30.66
N LYS B 184 -17.89 -6.92 -30.43
CA LYS B 184 -18.48 -8.08 -31.08
C LYS B 184 -18.28 -8.01 -32.61
N ALA B 185 -18.54 -6.85 -33.24
CA ALA B 185 -18.37 -6.69 -34.67
C ALA B 185 -16.98 -7.16 -35.10
N ASP B 186 -15.94 -6.61 -34.47
CA ASP B 186 -14.56 -6.93 -34.78
C ASP B 186 -14.32 -8.42 -34.57
N TYR B 187 -14.84 -8.95 -33.46
CA TYR B 187 -14.55 -10.33 -33.12
C TYR B 187 -15.07 -11.22 -34.26
N GLU B 188 -16.24 -10.84 -34.80
CA GLU B 188 -16.95 -11.73 -35.70
C GLU B 188 -16.37 -11.63 -37.12
N LYS B 189 -15.61 -10.56 -37.38
CA LYS B 189 -14.98 -10.32 -38.68
C LYS B 189 -13.66 -11.10 -38.82
N HIS B 190 -13.08 -11.62 -37.73
CA HIS B 190 -11.77 -12.25 -37.83
C HIS B 190 -11.86 -13.71 -37.42
N LYS B 191 -10.83 -14.50 -37.78
CA LYS B 191 -10.94 -15.94 -37.63
C LYS B 191 -10.03 -16.46 -36.54
N VAL B 192 -8.74 -16.10 -36.60
CA VAL B 192 -7.75 -16.77 -35.78
C VAL B 192 -7.29 -15.81 -34.68
N TYR B 193 -7.47 -16.26 -33.43
CA TYR B 193 -7.00 -15.50 -32.27
C TYR B 193 -5.85 -16.27 -31.66
N ALA B 194 -4.70 -15.60 -31.54
CA ALA B 194 -3.49 -16.28 -31.13
C ALA B 194 -2.80 -15.49 -30.01
N CYS B 195 -2.42 -16.20 -28.96
CA CYS B 195 -1.68 -15.59 -27.88
C CYS B 195 -0.25 -16.13 -28.00
N GLU B 196 0.71 -15.24 -28.17
CA GLU B 196 2.12 -15.61 -28.26
C GLU B 196 2.88 -15.31 -26.95
N VAL B 197 3.49 -16.36 -26.36
CA VAL B 197 4.10 -16.29 -25.05
C VAL B 197 5.60 -16.54 -25.19
N THR B 198 6.40 -15.63 -24.63
CA THR B 198 7.83 -15.84 -24.46
C THR B 198 8.16 -15.88 -22.96
N HIS B 199 8.97 -16.85 -22.58
CA HIS B 199 9.38 -17.02 -21.20
C HIS B 199 10.65 -17.86 -21.19
N GLN B 200 11.57 -17.48 -20.31
CA GLN B 200 12.92 -18.03 -20.31
C GLN B 200 12.87 -19.53 -20.11
N GLY B 201 11.76 -20.05 -19.58
CA GLY B 201 11.66 -21.49 -19.32
C GLY B 201 11.36 -22.33 -20.56
N LEU B 202 10.92 -21.69 -21.66
CA LEU B 202 10.67 -22.32 -22.94
C LEU B 202 11.86 -22.02 -23.83
N SER B 203 12.25 -22.95 -24.71
CA SER B 203 13.34 -22.68 -25.66
C SER B 203 12.88 -21.75 -26.76
N SER B 204 11.68 -22.02 -27.30
CA SER B 204 11.11 -21.14 -28.30
CA SER B 204 11.04 -21.25 -28.36
C SER B 204 9.74 -20.64 -27.85
N PRO B 205 9.37 -19.40 -28.27
CA PRO B 205 8.07 -18.82 -27.93
C PRO B 205 6.92 -19.74 -28.32
N VAL B 206 5.88 -19.81 -27.49
CA VAL B 206 4.77 -20.73 -27.70
C VAL B 206 3.53 -19.93 -28.11
N THR B 207 2.84 -20.38 -29.16
CA THR B 207 1.55 -19.79 -29.52
C THR B 207 0.42 -20.72 -29.07
N LYS B 208 -0.60 -20.18 -28.39
CA LYS B 208 -1.87 -20.89 -28.30
C LYS B 208 -2.92 -20.10 -29.07
N SER B 209 -3.70 -20.80 -29.90
CA SER B 209 -4.63 -20.05 -30.72
C SER B 209 -5.89 -20.86 -30.93
N PHE B 210 -6.90 -20.18 -31.45
CA PHE B 210 -8.12 -20.88 -31.81
C PHE B 210 -8.75 -20.18 -32.99
N ASN B 211 -9.60 -20.91 -33.73
CA ASN B 211 -10.40 -20.31 -34.78
C ASN B 211 -11.82 -20.14 -34.29
N ARG B 212 -12.37 -18.95 -34.56
CA ARG B 212 -13.76 -18.67 -34.22
C ARG B 212 -14.65 -19.53 -35.15
N GLN C 1 -2.76 -0.36 24.60
CA GLN C 1 -4.10 -0.36 23.94
C GLN C 1 -4.22 0.84 23.00
N VAL C 2 -3.08 1.36 22.51
CA VAL C 2 -3.08 2.44 21.51
C VAL C 2 -3.64 1.91 20.19
N GLN C 3 -4.62 2.63 19.62
CA GLN C 3 -5.22 2.26 18.35
C GLN C 3 -5.70 3.48 17.58
N LEU C 4 -5.49 3.45 16.26
CA LEU C 4 -6.08 4.44 15.37
C LEU C 4 -7.11 3.72 14.50
N VAL C 5 -8.34 4.24 14.52
CA VAL C 5 -9.40 3.61 13.74
C VAL C 5 -9.92 4.64 12.74
N GLN C 6 -9.88 4.27 11.44
CA GLN C 6 -10.26 5.14 10.35
C GLN C 6 -11.65 4.80 9.89
N SER C 7 -12.28 5.78 9.22
CA SER C 7 -13.60 5.59 8.62
C SER C 7 -13.50 4.68 7.40
N GLY C 8 -14.67 4.29 6.86
CA GLY C 8 -14.70 3.23 5.86
C GLY C 8 -14.46 3.76 4.45
N ALA C 9 -14.31 2.80 3.52
CA ALA C 9 -14.03 3.06 2.11
C ALA C 9 -15.04 4.02 1.48
N GLU C 10 -14.55 4.91 0.61
CA GLU C 10 -15.36 5.98 0.05
C GLU C 10 -15.20 5.97 -1.47
N VAL C 11 -16.29 6.24 -2.22
CA VAL C 11 -16.20 6.43 -3.65
C VAL C 11 -16.58 7.89 -3.94
N LYS C 12 -15.85 8.52 -4.88
CA LYS C 12 -16.09 9.92 -5.20
C LYS C 12 -15.97 10.19 -6.70
N LYS C 13 -16.74 11.17 -7.16
CA LYS C 13 -16.64 11.63 -8.54
C LYS C 13 -15.53 12.67 -8.60
N PRO C 14 -14.84 12.87 -9.75
CA PRO C 14 -13.90 13.98 -9.92
C PRO C 14 -14.52 15.31 -9.51
N GLY C 15 -13.72 16.15 -8.82
CA GLY C 15 -14.13 17.45 -8.35
C GLY C 15 -14.75 17.43 -6.94
N ALA C 16 -15.05 16.25 -6.42
CA ALA C 16 -15.75 16.19 -5.13
C ALA C 16 -14.73 16.29 -4.01
N SER C 17 -15.19 16.25 -2.75
CA SER C 17 -14.33 16.19 -1.57
C SER C 17 -14.59 14.89 -0.82
N VAL C 18 -13.55 14.43 -0.10
CA VAL C 18 -13.66 13.33 0.85
C VAL C 18 -13.21 13.86 2.20
N LYS C 19 -13.81 13.30 3.26
CA LYS C 19 -13.34 13.57 4.62
C LYS C 19 -13.13 12.22 5.31
N VAL C 20 -11.88 11.88 5.63
CA VAL C 20 -11.57 10.61 6.26
C VAL C 20 -11.29 10.89 7.74
N SER C 21 -11.81 10.04 8.62
CA SER C 21 -11.71 10.19 10.08
C SER C 21 -10.54 9.34 10.51
N CYS C 22 -9.86 9.76 11.57
CA CYS C 22 -8.97 8.90 12.31
C CYS C 22 -9.24 9.10 13.82
N LYS C 23 -9.75 8.09 14.50
CA LYS C 23 -10.10 8.27 15.90
C LYS C 23 -9.05 7.56 16.73
N ALA C 24 -8.46 8.31 17.65
CA ALA C 24 -7.32 7.87 18.43
C ALA C 24 -7.83 7.25 19.75
N PHE C 25 -7.36 6.07 20.07
CA PHE C 25 -7.72 5.42 21.33
C PHE C 25 -6.44 5.14 22.13
N GLY C 26 -6.56 5.18 23.46
CA GLY C 26 -5.62 4.44 24.28
C GLY C 26 -4.48 5.31 24.81
N TYR C 27 -4.57 6.65 24.71
CA TYR C 27 -3.50 7.51 25.19
C TYR C 27 -4.07 8.92 25.29
N THR C 28 -3.25 9.85 25.81
CA THR C 28 -3.66 11.25 25.93
C THR C 28 -3.61 11.88 24.55
N PHE C 29 -4.80 12.15 24.02
CA PHE C 29 -4.98 12.55 22.63
C PHE C 29 -4.06 13.74 22.26
N THR C 30 -3.85 14.71 23.16
CA THR C 30 -3.07 15.90 22.86
C THR C 30 -1.57 15.65 22.89
N THR C 31 -1.11 14.43 23.15
CA THR C 31 0.34 14.30 23.39
C THR C 31 1.17 14.16 22.10
N TYR C 32 0.55 13.68 21.02
CA TYR C 32 1.25 13.28 19.81
C TYR C 32 0.58 13.89 18.59
N PRO C 33 1.36 14.29 17.55
CA PRO C 33 0.75 14.62 16.26
C PRO C 33 0.18 13.37 15.58
N ILE C 34 -0.87 13.58 14.79
CA ILE C 34 -1.40 12.56 13.90
C ILE C 34 -0.92 12.88 12.48
N GLU C 35 -0.29 11.90 11.84
CA GLU C 35 0.29 12.07 10.51
C GLU C 35 -0.59 11.35 9.50
N TRP C 36 -0.65 11.89 8.28
CA TRP C 36 -1.43 11.30 7.20
C TRP C 36 -0.57 10.98 5.99
N MET C 37 -0.79 9.79 5.46
CA MET C 37 -0.12 9.33 4.25
C MET C 37 -1.13 8.66 3.35
N ARG C 38 -0.71 8.40 2.09
CA ARG C 38 -1.54 7.63 1.21
C ARG C 38 -0.62 6.79 0.33
N GLN C 39 -1.19 5.68 -0.14
CA GLN C 39 -0.48 4.71 -0.96
C GLN C 39 -1.38 4.39 -2.13
N ALA C 40 -0.91 4.83 -3.31
CA ALA C 40 -1.56 4.60 -4.59
C ALA C 40 -0.88 3.40 -5.23
N PRO C 41 -1.66 2.53 -5.92
CA PRO C 41 -1.14 1.29 -6.51
C PRO C 41 0.31 1.34 -7.01
N GLY C 42 0.66 2.38 -7.80
CA GLY C 42 1.97 2.46 -8.46
C GLY C 42 2.83 3.66 -8.05
N LYS C 43 2.58 4.21 -6.87
CA LYS C 43 3.33 5.36 -6.39
C LYS C 43 4.08 5.04 -5.10
N GLY C 44 3.72 3.95 -4.40
CA GLY C 44 4.34 3.70 -3.10
C GLY C 44 3.71 4.57 -2.00
N LEU C 45 4.51 5.30 -1.20
CA LEU C 45 3.93 5.99 -0.04
C LEU C 45 4.20 7.49 -0.07
N GLU C 46 3.13 8.27 0.12
CA GLU C 46 3.24 9.71 -0.01
C GLU C 46 2.71 10.33 1.28
N TRP C 47 3.46 11.29 1.85
CA TRP C 47 3.04 11.97 3.07
C TRP C 47 2.13 13.15 2.73
N ILE C 48 1.07 13.36 3.52
CA ILE C 48 0.03 14.34 3.17
C ILE C 48 0.16 15.56 4.09
N GLY C 49 0.22 15.28 5.39
CA GLY C 49 0.39 16.32 6.39
C GLY C 49 0.19 15.74 7.78
N ASN C 50 0.18 16.62 8.76
CA ASN C 50 -0.02 16.23 10.14
C ASN C 50 -0.76 17.35 10.86
N PHE C 51 -1.31 17.02 12.03
CA PHE C 51 -2.14 17.90 12.83
C PHE C 51 -1.80 17.58 14.29
N HIS C 52 -1.45 18.60 15.09
CA HIS C 52 -1.10 18.36 16.49
C HIS C 52 -2.22 18.84 17.41
N PRO C 53 -3.02 17.93 18.01
CA PRO C 53 -4.09 18.32 18.93
C PRO C 53 -3.63 19.24 20.07
N TYR C 54 -2.35 19.15 20.44
CA TYR C 54 -1.82 20.00 21.51
C TYR C 54 -2.14 21.48 21.25
N ASN C 55 -1.87 21.96 20.02
CA ASN C 55 -1.87 23.37 19.69
C ASN C 55 -2.56 23.65 18.35
N ASP C 56 -3.16 22.63 17.71
CA ASP C 56 -3.88 22.79 16.44
C ASP C 56 -2.95 23.15 15.27
N ASP C 57 -1.64 22.94 15.40
CA ASP C 57 -0.72 23.23 14.32
C ASP C 57 -0.81 22.14 13.25
N THR C 58 -0.72 22.58 12.00
CA THR C 58 -0.78 21.70 10.84
C THR C 58 0.45 21.92 9.98
N LYS C 59 1.01 20.82 9.47
CA LYS C 59 1.95 20.90 8.36
C LYS C 59 1.38 20.15 7.17
N TYR C 60 1.56 20.69 5.96
CA TYR C 60 1.02 20.04 4.77
C TYR C 60 2.12 19.79 3.74
N ASN C 61 2.01 18.71 2.97
CA ASN C 61 2.84 18.53 1.78
C ASN C 61 2.37 19.56 0.75
N GLU C 62 3.28 20.42 0.29
CA GLU C 62 2.98 21.44 -0.71
C GLU C 62 2.42 20.83 -2.00
N LYS C 63 2.71 19.56 -2.26
CA LYS C 63 2.19 18.87 -3.45
C LYS C 63 0.67 18.89 -3.49
N PHE C 64 -0.02 19.08 -2.35
CA PHE C 64 -1.46 19.02 -2.33
C PHE C 64 -2.05 20.34 -2.76
N GLN C 65 -1.21 21.39 -2.77
CA GLN C 65 -1.52 22.72 -3.24
C GLN C 65 -2.77 23.25 -2.55
N GLY C 66 -2.82 23.13 -1.21
CA GLY C 66 -3.93 23.64 -0.41
C GLY C 66 -5.26 22.91 -0.68
N ARG C 67 -5.22 21.66 -1.19
CA ARG C 67 -6.42 20.86 -1.40
C ARG C 67 -6.75 20.03 -0.16
N VAL C 68 -5.83 20.00 0.82
CA VAL C 68 -6.05 19.20 2.02
C VAL C 68 -6.24 20.13 3.20
N THR C 69 -7.20 19.80 4.05
CA THR C 69 -7.39 20.49 5.31
C THR C 69 -7.45 19.41 6.39
N LEU C 70 -6.72 19.62 7.48
CA LEU C 70 -6.78 18.72 8.62
C LEU C 70 -7.47 19.48 9.75
N THR C 71 -8.43 18.82 10.41
CA THR C 71 -9.22 19.45 11.47
C THR C 71 -9.32 18.43 12.59
N VAL C 72 -9.84 18.87 13.74
CA VAL C 72 -9.86 17.98 14.90
C VAL C 72 -11.23 18.08 15.56
N ASP C 73 -11.66 16.97 16.16
CA ASP C 73 -12.67 17.02 17.21
C ASP C 73 -12.10 16.44 18.51
N LYS C 74 -11.70 17.32 19.42
CA LYS C 74 -11.06 16.88 20.66
C LYS C 74 -12.04 16.03 21.48
N SER C 75 -13.31 16.41 21.40
CA SER C 75 -14.36 15.77 22.17
C SER C 75 -14.40 14.27 21.85
N SER C 76 -14.18 13.90 20.57
CA SER C 76 -14.18 12.51 20.14
C SER C 76 -12.79 12.01 19.73
N THR C 77 -11.72 12.66 20.19
CA THR C 77 -10.32 12.32 19.89
C THR C 77 -10.14 11.86 18.45
N THR C 78 -10.62 12.67 17.48
CA THR C 78 -10.66 12.30 16.08
C THR C 78 -9.96 13.41 15.29
N VAL C 79 -9.08 13.02 14.36
CA VAL C 79 -8.51 13.96 13.39
C VAL C 79 -9.14 13.71 12.04
N TYR C 80 -9.51 14.78 11.33
CA TYR C 80 -10.13 14.65 10.01
C TYR C 80 -9.17 15.10 8.91
N MET C 81 -9.05 14.29 7.85
CA MET C 81 -8.36 14.70 6.64
C MET C 81 -9.41 14.95 5.55
N GLU C 82 -9.53 16.22 5.16
CA GLU C 82 -10.42 16.58 4.07
C GLU C 82 -9.62 16.90 2.80
N LEU C 83 -9.88 16.14 1.73
CA LEU C 83 -9.19 16.28 0.46
C LEU C 83 -10.21 16.72 -0.59
N SER C 84 -9.98 17.92 -1.16
CA SER C 84 -10.94 18.57 -2.04
C SER C 84 -10.48 18.47 -3.50
N SER C 85 -11.35 18.84 -4.45
CA SER C 85 -11.11 18.82 -5.89
C SER C 85 -10.50 17.50 -6.32
N LEU C 86 -11.19 16.40 -6.03
CA LEU C 86 -10.55 15.10 -6.19
C LEU C 86 -10.33 14.81 -7.68
N ARG C 87 -9.19 14.16 -7.97
CA ARG C 87 -8.83 13.73 -9.30
C ARG C 87 -8.58 12.22 -9.23
N SER C 88 -8.49 11.61 -10.41
CA SER C 88 -8.33 10.20 -10.59
C SER C 88 -7.12 9.68 -9.81
N GLU C 89 -6.04 10.48 -9.84
CA GLU C 89 -4.74 10.21 -9.28
C GLU C 89 -4.80 10.28 -7.76
N ASP C 90 -5.98 10.64 -7.20
CA ASP C 90 -6.15 10.64 -5.75
C ASP C 90 -6.65 9.29 -5.21
N THR C 91 -6.99 8.36 -6.10
CA THR C 91 -7.38 7.00 -5.73
C THR C 91 -6.24 6.38 -4.93
N ALA C 92 -6.52 5.96 -3.68
CA ALA C 92 -5.46 5.42 -2.85
C ALA C 92 -6.04 4.87 -1.56
N VAL C 93 -5.20 4.12 -0.83
CA VAL C 93 -5.45 3.86 0.57
C VAL C 93 -4.84 5.01 1.39
N TYR C 94 -5.66 5.67 2.21
CA TYR C 94 -5.22 6.77 3.07
C TYR C 94 -4.99 6.22 4.48
N TYR C 95 -3.81 6.51 5.05
CA TYR C 95 -3.51 6.13 6.43
C TYR C 95 -3.31 7.34 7.35
N CYS C 96 -3.71 7.17 8.63
CA CYS C 96 -3.22 8.03 9.69
C CYS C 96 -2.22 7.22 10.50
N ALA C 97 -1.32 7.91 11.21
CA ALA C 97 -0.28 7.26 11.97
C ALA C 97 0.23 8.19 13.07
N ARG C 98 0.89 7.59 14.08
CA ARG C 98 1.59 8.41 15.06
C ARG C 98 2.91 7.78 15.49
N GLU C 99 3.80 8.63 15.98
CA GLU C 99 5.04 8.20 16.61
C GLU C 99 4.78 7.72 18.03
N ASN C 100 5.84 7.27 18.69
CA ASN C 100 5.84 6.93 20.10
C ASN C 100 7.15 7.45 20.69
N TYR C 101 7.24 7.46 22.03
CA TYR C 101 8.41 7.94 22.74
C TYR C 101 9.66 7.38 22.10
N GLY C 102 10.55 8.28 21.68
CA GLY C 102 11.88 7.91 21.20
C GLY C 102 11.89 7.33 19.78
N SER C 103 10.79 7.35 19.02
CA SER C 103 10.88 6.74 17.69
C SER C 103 11.48 7.71 16.66
N HIS C 104 11.67 8.99 17.05
CA HIS C 104 12.40 9.97 16.25
C HIS C 104 11.88 10.10 14.81
N GLY C 105 10.55 10.01 14.64
CA GLY C 105 10.05 10.15 13.29
C GLY C 105 9.47 8.86 12.71
N GLY C 106 9.75 7.72 13.38
CA GLY C 106 9.18 6.42 12.96
C GLY C 106 7.74 6.27 13.43
N PHE C 107 6.87 5.79 12.53
CA PHE C 107 5.46 5.67 12.85
C PHE C 107 5.23 4.29 13.45
N VAL C 108 4.94 4.28 14.76
CA VAL C 108 4.75 3.06 15.53
C VAL C 108 3.32 2.53 15.38
N TYR C 109 2.36 3.46 15.36
CA TYR C 109 0.97 3.07 15.34
C TYR C 109 0.29 3.64 14.11
N TRP C 110 -0.46 2.76 13.44
CA TRP C 110 -1.09 3.05 12.16
C TRP C 110 -2.56 2.70 12.21
N GLY C 111 -3.38 3.55 11.59
CA GLY C 111 -4.75 3.15 11.33
C GLY C 111 -4.81 2.07 10.25
N GLN C 112 -6.00 1.50 9.99
CA GLN C 112 -6.09 0.29 9.17
C GLN C 112 -6.05 0.68 7.69
N GLY C 113 -6.16 1.99 7.38
CA GLY C 113 -6.19 2.39 5.98
C GLY C 113 -7.63 2.60 5.52
N THR C 114 -7.86 3.62 4.69
CA THR C 114 -9.16 3.89 4.09
C THR C 114 -8.99 3.96 2.58
N LEU C 115 -9.67 3.09 1.83
CA LEU C 115 -9.67 3.19 0.38
C LEU C 115 -10.58 4.34 -0.10
N VAL C 116 -10.01 5.24 -0.90
CA VAL C 116 -10.81 6.27 -1.55
C VAL C 116 -10.64 6.09 -3.07
N THR C 117 -11.75 5.81 -3.77
CA THR C 117 -11.69 5.62 -5.20
C THR C 117 -12.32 6.87 -5.83
N VAL C 118 -11.57 7.51 -6.74
CA VAL C 118 -12.04 8.68 -7.43
C VAL C 118 -12.21 8.33 -8.90
N SER C 119 -13.42 8.58 -9.43
CA SER C 119 -13.70 8.17 -10.79
C SER C 119 -15.05 8.71 -11.23
N SER C 120 -15.23 8.85 -12.56
CA SER C 120 -16.52 9.16 -13.12
CA SER C 120 -16.52 9.15 -13.15
C SER C 120 -17.39 7.91 -13.14
N ALA C 121 -16.79 6.72 -12.93
CA ALA C 121 -17.60 5.52 -12.92
C ALA C 121 -18.63 5.56 -11.81
N SER C 122 -19.59 4.62 -11.86
CA SER C 122 -20.64 4.45 -10.87
C SER C 122 -20.53 3.07 -10.22
N THR C 123 -20.97 2.97 -8.96
CA THR C 123 -20.91 1.74 -8.18
C THR C 123 -21.81 0.74 -8.88
N LYS C 124 -21.23 -0.42 -9.25
CA LYS C 124 -22.06 -1.49 -9.78
C LYS C 124 -21.38 -2.85 -9.60
N GLY C 125 -22.19 -3.88 -9.44
CA GLY C 125 -21.69 -5.24 -9.41
C GLY C 125 -21.13 -5.66 -10.78
N PRO C 126 -20.35 -6.76 -10.83
CA PRO C 126 -19.79 -7.26 -12.08
C PRO C 126 -20.75 -8.07 -12.94
N SER C 127 -20.46 -8.10 -14.26
CA SER C 127 -20.93 -9.19 -15.11
C SER C 127 -19.97 -10.35 -14.88
N VAL C 128 -20.52 -11.57 -14.74
CA VAL C 128 -19.67 -12.74 -14.55
C VAL C 128 -19.84 -13.72 -15.71
N PHE C 129 -18.73 -13.93 -16.44
CA PHE C 129 -18.73 -14.73 -17.65
C PHE C 129 -17.80 -15.94 -17.49
N PRO C 130 -18.23 -17.12 -17.98
CA PRO C 130 -17.40 -18.31 -17.88
C PRO C 130 -16.18 -18.25 -18.77
N LEU C 131 -15.08 -18.80 -18.23
CA LEU C 131 -13.95 -19.14 -19.06
C LEU C 131 -13.99 -20.66 -19.20
N ALA C 132 -14.66 -21.10 -20.28
CA ALA C 132 -15.09 -22.48 -20.49
C ALA C 132 -13.89 -23.34 -20.85
N PRO C 133 -13.71 -24.51 -20.20
CA PRO C 133 -12.65 -25.43 -20.57
C PRO C 133 -12.90 -26.09 -21.92
N SER C 134 -11.83 -26.35 -22.65
CA SER C 134 -11.79 -27.26 -23.80
C SER C 134 -10.34 -27.58 -24.18
N GLY C 141 -3.74 -33.93 -19.50
CA GLY C 141 -4.07 -34.39 -18.13
C GLY C 141 -4.86 -33.33 -17.37
N THR C 142 -4.59 -32.05 -17.69
CA THR C 142 -4.96 -30.88 -16.91
C THR C 142 -5.78 -29.90 -17.76
N ALA C 143 -6.81 -29.32 -17.16
CA ALA C 143 -7.65 -28.40 -17.90
C ALA C 143 -7.79 -27.14 -17.05
N ALA C 144 -7.79 -25.98 -17.71
CA ALA C 144 -7.99 -24.77 -16.95
C ALA C 144 -9.39 -24.29 -17.29
N LEU C 145 -10.04 -23.71 -16.30
CA LEU C 145 -11.34 -23.05 -16.42
C LEU C 145 -11.37 -21.86 -15.47
N GLY C 146 -12.34 -20.94 -15.66
CA GLY C 146 -12.39 -19.79 -14.81
C GLY C 146 -13.66 -18.98 -15.02
N CYS C 147 -13.62 -17.80 -14.43
CA CYS C 147 -14.72 -16.85 -14.47
C CYS C 147 -14.10 -15.48 -14.70
N LEU C 148 -14.63 -14.80 -15.72
CA LEU C 148 -14.23 -13.45 -16.05
C LEU C 148 -15.22 -12.53 -15.34
N VAL C 149 -14.70 -11.71 -14.42
CA VAL C 149 -15.53 -10.89 -13.55
C VAL C 149 -15.32 -9.45 -13.99
N LYS C 150 -16.19 -8.97 -14.87
CA LYS C 150 -15.89 -7.80 -15.67
C LYS C 150 -16.85 -6.66 -15.34
N ASP C 151 -16.32 -5.43 -15.35
CA ASP C 151 -17.08 -4.19 -15.34
C ASP C 151 -17.79 -3.94 -14.00
N TYR C 152 -17.00 -3.98 -12.92
CA TYR C 152 -17.55 -3.62 -11.62
C TYR C 152 -16.83 -2.36 -11.14
N PHE C 153 -17.44 -1.70 -10.14
CA PHE C 153 -16.80 -0.56 -9.50
C PHE C 153 -17.46 -0.33 -8.12
N PRO C 154 -16.69 0.09 -7.07
CA PRO C 154 -15.24 0.08 -7.06
C PRO C 154 -14.69 -1.29 -6.66
N GLU C 155 -13.37 -1.37 -6.39
CA GLU C 155 -12.87 -2.58 -5.77
C GLU C 155 -13.38 -2.64 -4.33
N PRO C 156 -13.36 -3.82 -3.66
CA PRO C 156 -12.90 -5.08 -4.24
C PRO C 156 -14.04 -6.07 -4.56
N VAL C 157 -13.71 -7.12 -5.30
CA VAL C 157 -14.54 -8.32 -5.39
C VAL C 157 -13.75 -9.42 -4.71
N THR C 158 -14.44 -10.45 -4.23
CA THR C 158 -13.74 -11.68 -3.91
C THR C 158 -14.45 -12.84 -4.60
N VAL C 159 -13.70 -13.92 -4.75
CA VAL C 159 -14.10 -15.04 -5.58
C VAL C 159 -13.67 -16.29 -4.84
N SER C 160 -14.61 -17.23 -4.76
CA SER C 160 -14.25 -18.57 -4.34
C SER C 160 -14.78 -19.54 -5.39
N TRP C 161 -14.39 -20.81 -5.24
CA TRP C 161 -14.88 -21.87 -6.12
C TRP C 161 -15.56 -22.93 -5.27
N ASN C 162 -16.79 -23.28 -5.69
CA ASN C 162 -17.58 -24.34 -5.06
C ASN C 162 -17.70 -24.01 -3.57
N SER C 163 -18.03 -22.74 -3.29
CA SER C 163 -18.34 -22.29 -1.95
C SER C 163 -17.19 -22.56 -1.00
N GLY C 164 -15.98 -22.71 -1.52
CA GLY C 164 -14.81 -22.79 -0.66
C GLY C 164 -14.15 -24.15 -0.74
N ALA C 165 -14.81 -25.15 -1.34
CA ALA C 165 -14.32 -26.54 -1.31
C ALA C 165 -13.27 -26.77 -2.37
N LEU C 166 -13.18 -25.82 -3.31
CA LEU C 166 -12.13 -25.90 -4.31
C LEU C 166 -11.17 -24.73 -4.08
N THR C 167 -9.98 -25.04 -3.57
CA THR C 167 -8.97 -24.04 -3.30
C THR C 167 -7.70 -24.35 -4.09
N SER C 168 -7.44 -25.64 -4.34
CA SER C 168 -6.15 -26.04 -4.90
C SER C 168 -6.14 -25.65 -6.37
N GLY C 169 -5.01 -25.08 -6.81
CA GLY C 169 -4.86 -24.70 -8.19
C GLY C 169 -5.68 -23.44 -8.52
N VAL C 170 -6.25 -22.77 -7.51
CA VAL C 170 -7.00 -21.55 -7.79
C VAL C 170 -6.08 -20.31 -7.96
N HIS C 171 -6.30 -19.47 -8.99
CA HIS C 171 -5.61 -18.18 -9.00
C HIS C 171 -6.62 -17.07 -9.33
N THR C 172 -6.80 -16.16 -8.37
CA THR C 172 -7.61 -14.98 -8.62
C THR C 172 -6.68 -13.80 -8.86
N PHE C 173 -6.70 -13.28 -10.09
CA PHE C 173 -5.81 -12.19 -10.48
C PHE C 173 -6.24 -10.88 -9.83
N PRO C 174 -5.28 -9.99 -9.53
CA PRO C 174 -5.57 -8.61 -9.18
C PRO C 174 -6.42 -7.93 -10.25
N ALA C 175 -7.38 -7.14 -9.80
CA ALA C 175 -8.16 -6.32 -10.71
C ALA C 175 -7.25 -5.47 -11.56
N VAL C 176 -7.65 -5.25 -12.83
CA VAL C 176 -7.11 -4.18 -13.65
C VAL C 176 -8.21 -3.15 -13.85
N LEU C 177 -7.81 -1.87 -13.87
CA LEU C 177 -8.71 -0.79 -14.21
C LEU C 177 -8.73 -0.66 -15.73
N GLN C 178 -9.92 -0.77 -16.33
CA GLN C 178 -10.09 -0.74 -17.78
C GLN C 178 -10.24 0.73 -18.18
N SER C 179 -10.11 1.01 -19.47
CA SER C 179 -10.14 2.40 -19.93
C SER C 179 -11.50 3.01 -19.66
N SER C 180 -12.54 2.14 -19.67
CA SER C 180 -13.90 2.47 -19.31
C SER C 180 -14.02 3.05 -17.91
N GLY C 181 -12.99 2.89 -17.06
CA GLY C 181 -13.12 3.28 -15.68
C GLY C 181 -13.64 2.17 -14.75
N LEU C 182 -13.98 1.01 -15.32
CA LEU C 182 -14.46 -0.10 -14.51
C LEU C 182 -13.34 -1.11 -14.34
N TYR C 183 -13.40 -1.87 -13.24
CA TYR C 183 -12.44 -2.93 -12.98
C TYR C 183 -12.87 -4.23 -13.65
N SER C 184 -11.88 -5.11 -13.83
CA SER C 184 -12.13 -6.45 -14.35
C SER C 184 -11.07 -7.36 -13.76
N LEU C 185 -11.46 -8.61 -13.52
CA LEU C 185 -10.47 -9.61 -13.14
C LEU C 185 -11.00 -10.95 -13.60
N SER C 186 -10.12 -11.96 -13.62
CA SER C 186 -10.53 -13.33 -13.85
C SER C 186 -10.05 -14.14 -12.66
N SER C 187 -10.80 -15.22 -12.40
CA SER C 187 -10.30 -16.21 -11.47
C SER C 187 -10.26 -17.54 -12.19
N VAL C 188 -9.16 -18.28 -12.02
CA VAL C 188 -8.99 -19.47 -12.84
C VAL C 188 -8.71 -20.64 -11.90
N VAL C 189 -8.98 -21.85 -12.39
CA VAL C 189 -8.52 -23.00 -11.64
C VAL C 189 -8.11 -24.11 -12.61
N THR C 190 -7.14 -24.93 -12.23
CA THR C 190 -6.77 -26.04 -13.08
C THR C 190 -7.25 -27.31 -12.38
N VAL C 191 -7.79 -28.24 -13.17
CA VAL C 191 -8.40 -29.44 -12.63
C VAL C 191 -8.02 -30.58 -13.57
N PRO C 192 -8.20 -31.85 -13.16
CA PRO C 192 -7.98 -32.94 -14.10
C PRO C 192 -8.94 -32.81 -15.27
N SER C 193 -8.43 -33.02 -16.49
CA SER C 193 -9.36 -32.87 -17.62
C SER C 193 -10.40 -33.99 -17.60
N SER C 194 -10.08 -35.16 -17.01
CA SER C 194 -11.07 -36.23 -16.89
C SER C 194 -12.21 -35.81 -15.98
N SER C 195 -12.13 -34.64 -15.34
CA SER C 195 -13.14 -34.27 -14.35
C SER C 195 -14.15 -33.30 -14.96
N LEU C 196 -13.97 -32.97 -16.25
CA LEU C 196 -14.84 -31.98 -16.90
C LEU C 196 -16.27 -32.50 -17.04
N GLY C 197 -16.42 -33.80 -17.23
CA GLY C 197 -17.73 -34.41 -17.34
C GLY C 197 -18.23 -34.91 -15.98
N THR C 198 -17.38 -34.74 -14.97
CA THR C 198 -17.48 -35.53 -13.76
C THR C 198 -17.72 -34.66 -12.51
N GLN C 199 -17.56 -33.34 -12.64
CA GLN C 199 -17.66 -32.49 -11.46
C GLN C 199 -18.35 -31.21 -11.88
N THR C 200 -19.04 -30.56 -10.94
CA THR C 200 -19.62 -29.25 -11.20
C THR C 200 -18.64 -28.21 -10.68
N TYR C 201 -18.42 -27.15 -11.45
CA TYR C 201 -17.52 -26.10 -11.00
C TYR C 201 -18.30 -24.79 -11.02
N ILE C 202 -18.32 -24.11 -9.85
CA ILE C 202 -19.02 -22.85 -9.68
C ILE C 202 -18.06 -21.86 -9.04
N CYS C 203 -17.94 -20.72 -9.70
CA CYS C 203 -17.27 -19.58 -9.08
C CYS C 203 -18.31 -18.72 -8.35
N ASN C 204 -17.93 -18.35 -7.12
CA ASN C 204 -18.74 -17.57 -6.22
C ASN C 204 -18.09 -16.19 -6.21
N VAL C 205 -18.80 -15.22 -6.77
CA VAL C 205 -18.27 -13.87 -6.91
C VAL C 205 -19.01 -12.95 -5.95
N ASN C 206 -18.26 -12.25 -5.10
CA ASN C 206 -18.85 -11.39 -4.08
C ASN C 206 -18.38 -9.96 -4.31
N HIS C 207 -19.34 -9.03 -4.45
CA HIS C 207 -19.01 -7.62 -4.55
C HIS C 207 -19.82 -6.81 -3.54
N LYS C 208 -19.19 -6.63 -2.37
CA LYS C 208 -19.83 -6.05 -1.20
C LYS C 208 -20.25 -4.61 -1.48
N PRO C 209 -19.44 -3.76 -2.16
CA PRO C 209 -19.85 -2.38 -2.42
C PRO C 209 -21.19 -2.22 -3.16
N SER C 210 -21.62 -3.25 -3.87
CA SER C 210 -22.93 -3.13 -4.49
C SER C 210 -23.83 -4.20 -3.90
N ASN C 211 -23.39 -4.79 -2.78
CA ASN C 211 -24.10 -5.87 -2.12
C ASN C 211 -24.54 -6.93 -3.14
N THR C 212 -23.62 -7.36 -4.03
CA THR C 212 -23.91 -8.32 -5.10
C THR C 212 -23.20 -9.65 -4.82
N LYS C 213 -23.93 -10.75 -4.97
CA LYS C 213 -23.35 -12.08 -4.95
C LYS C 213 -23.76 -12.83 -6.21
N VAL C 214 -22.79 -13.39 -6.94
CA VAL C 214 -23.08 -14.13 -8.16
C VAL C 214 -22.42 -15.51 -8.07
N ASP C 215 -23.22 -16.56 -8.22
CA ASP C 215 -22.64 -17.88 -8.48
C ASP C 215 -22.77 -18.22 -9.97
N LYS C 216 -21.64 -18.54 -10.63
CA LYS C 216 -21.71 -18.87 -12.04
C LYS C 216 -21.16 -20.25 -12.31
N LYS C 217 -22.00 -21.17 -12.80
CA LYS C 217 -21.52 -22.50 -13.12
C LYS C 217 -20.72 -22.41 -14.44
N VAL C 218 -19.57 -23.09 -14.49
CA VAL C 218 -18.67 -23.01 -15.62
C VAL C 218 -18.57 -24.37 -16.28
N GLU C 219 -19.03 -24.46 -17.53
CA GLU C 219 -19.18 -25.74 -18.23
C GLU C 219 -18.37 -25.75 -19.51
N PRO C 220 -17.88 -26.94 -19.96
CA PRO C 220 -17.24 -27.10 -21.27
C PRO C 220 -17.96 -26.45 -22.46
#